data_1A08
#
_entry.id   1A08
#
_cell.length_a   51.900
_cell.length_b   67.400
_cell.length_c   75.200
_cell.angle_alpha   90.00
_cell.angle_beta   90.00
_cell.angle_gamma   90.00
#
_symmetry.space_group_name_H-M   'P 21 21 21'
#
loop_
_entity.id
_entity.type
_entity.pdbx_description
1 polymer 'C-SRC TYROSINE KINASE'
2 polymer 'ACE-DIFLUORO PHOSPHOTYR-GLU-(N,N-DIPENTYL AMINE)'
3 water water
#
loop_
_entity_poly.entity_id
_entity_poly.type
_entity_poly.pdbx_seq_one_letter_code
_entity_poly.pdbx_strand_id
1 'polypeptide(L)'
;MDSIQAEEWYFGKITRRESERLLLNAENPRGTFLVRESETTKGAYCLSVSDFDNAKGLNVKHYKIRKLDSGGFYITSRTQ
FNSLQQLVAYYSKHADGLCHRLTTVCP
;
A,B
2 'polypeptide(L)' (ACE)(FTY)E(DIP) C,D
#
# COMPACT_ATOMS: atom_id res chain seq x y z
N SER A 3 22.49 -4.14 15.98
CA SER A 3 21.36 -4.97 15.66
C SER A 3 20.51 -3.91 15.00
N ILE A 4 20.02 -4.17 13.79
CA ILE A 4 19.12 -3.28 13.13
C ILE A 4 17.83 -3.29 14.01
N GLN A 5 17.56 -4.39 14.78
CA GLN A 5 16.30 -4.54 15.49
C GLN A 5 15.98 -3.46 16.45
N ALA A 6 17.07 -2.99 17.05
CA ALA A 6 17.00 -1.93 18.05
C ALA A 6 17.04 -0.51 17.51
N GLU A 7 17.21 -0.35 16.17
CA GLU A 7 17.26 0.94 15.51
C GLU A 7 15.88 1.56 15.55
N GLU A 8 15.80 2.73 15.90
CA GLU A 8 14.76 3.71 16.22
C GLU A 8 13.95 4.01 14.95
N TRP A 9 14.64 3.94 13.81
CA TRP A 9 13.99 4.19 12.51
C TRP A 9 13.56 2.89 11.84
N TYR A 10 13.94 1.78 12.42
CA TYR A 10 13.61 0.45 11.86
C TYR A 10 12.32 -0.09 12.50
N PHE A 11 11.29 -0.46 11.64
CA PHE A 11 10.03 -0.95 12.09
C PHE A 11 9.68 -2.40 11.78
N GLY A 12 10.71 -3.15 11.42
CA GLY A 12 10.63 -4.58 11.24
C GLY A 12 9.63 -5.01 10.20
N LYS A 13 8.74 -5.87 10.66
CA LYS A 13 7.70 -6.45 9.80
C LYS A 13 6.32 -5.79 9.70
N ILE A 14 6.13 -4.54 10.09
CA ILE A 14 4.87 -3.87 9.93
C ILE A 14 4.42 -3.88 8.45
N THR A 15 3.09 -3.86 8.23
CA THR A 15 2.62 -4.00 6.87
C THR A 15 2.77 -2.66 6.15
N ARG A 16 2.48 -2.67 4.86
CA ARG A 16 2.50 -1.51 4.00
C ARG A 16 1.44 -0.59 4.57
N ARG A 17 0.25 -1.08 4.93
CA ARG A 17 -0.85 -0.29 5.43
C ARG A 17 -0.50 0.26 6.82
N GLU A 18 0.13 -0.51 7.69
CA GLU A 18 0.56 0.01 8.99
C GLU A 18 1.57 1.13 8.91
N SER A 19 2.51 1.05 7.97
CA SER A 19 3.49 2.11 7.81
C SER A 19 2.78 3.37 7.42
N GLU A 20 1.83 3.32 6.51
CA GLU A 20 1.17 4.53 6.08
C GLU A 20 0.38 5.21 7.17
N ARG A 21 -0.24 4.40 8.04
CA ARG A 21 -1.02 4.78 9.20
C ARG A 21 -0.13 5.55 10.13
N LEU A 22 1.08 5.05 10.31
CA LEU A 22 2.00 5.71 11.18
C LEU A 22 2.49 7.03 10.62
N LEU A 23 2.80 7.04 9.33
CA LEU A 23 3.32 8.25 8.77
C LEU A 23 2.31 9.33 8.44
N LEU A 24 1.04 9.01 8.15
CA LEU A 24 0.08 10.03 7.71
C LEU A 24 -0.52 10.69 8.92
N ASN A 25 0.17 11.69 9.40
CA ASN A 25 -0.29 12.33 10.60
C ASN A 25 0.24 13.73 10.61
N ALA A 26 -0.64 14.64 11.01
CA ALA A 26 -0.38 16.03 11.14
C ALA A 26 0.95 16.34 11.85
N GLU A 27 1.27 15.56 12.86
CA GLU A 27 2.45 15.80 13.67
C GLU A 27 3.81 15.58 12.98
N ASN A 28 3.78 14.97 11.78
CA ASN A 28 4.96 14.59 11.03
C ASN A 28 5.40 15.48 9.90
N PRO A 29 6.64 15.97 9.95
CA PRO A 29 7.28 16.82 8.94
C PRO A 29 7.26 16.11 7.58
N ARG A 30 7.46 16.81 6.45
CA ARG A 30 7.52 16.12 5.19
C ARG A 30 8.89 15.46 5.32
N GLY A 31 9.08 14.19 5.01
CA GLY A 31 10.39 13.60 5.19
C GLY A 31 10.49 12.84 6.50
N THR A 32 9.38 12.58 7.18
CA THR A 32 9.36 11.72 8.34
C THR A 32 9.47 10.34 7.69
N PHE A 33 10.18 9.33 8.22
CA PHE A 33 10.38 8.13 7.44
C PHE A 33 10.56 6.96 8.38
N LEU A 34 10.58 5.74 7.82
CA LEU A 34 10.91 4.56 8.57
C LEU A 34 11.50 3.55 7.59
N VAL A 35 12.22 2.53 8.02
CA VAL A 35 12.67 1.42 7.16
C VAL A 35 12.00 0.16 7.69
N ARG A 36 11.45 -0.66 6.80
CA ARG A 36 10.81 -1.87 7.20
C ARG A 36 11.20 -2.98 6.26
N GLU A 37 10.93 -4.22 6.58
CA GLU A 37 11.04 -5.33 5.65
C GLU A 37 9.91 -5.17 4.66
N SER A 38 10.19 -5.64 3.44
CA SER A 38 9.24 -5.64 2.37
C SER A 38 8.29 -6.80 2.60
N GLU A 39 6.96 -6.58 2.54
CA GLU A 39 5.99 -7.66 2.70
C GLU A 39 5.89 -8.64 1.53
N THR A 40 6.05 -8.03 0.38
CA THR A 40 5.82 -8.66 -0.88
C THR A 40 7.10 -9.22 -1.44
N THR A 41 8.24 -8.55 -1.28
CA THR A 41 9.49 -8.96 -1.90
C THR A 41 10.31 -9.54 -0.75
N LYS A 42 10.51 -10.86 -0.68
CA LYS A 42 11.33 -11.48 0.38
C LYS A 42 12.78 -11.12 0.13
N GLY A 43 13.48 -10.84 1.21
CA GLY A 43 14.82 -10.32 1.06
C GLY A 43 14.88 -8.79 0.78
N ALA A 44 13.78 -8.03 0.63
CA ALA A 44 13.95 -6.61 0.38
C ALA A 44 13.52 -5.79 1.56
N TYR A 45 13.86 -4.51 1.49
CA TYR A 45 13.44 -3.56 2.50
C TYR A 45 12.62 -2.47 1.86
N CYS A 46 12.23 -1.49 2.62
CA CYS A 46 11.46 -0.42 2.11
C CYS A 46 11.67 0.78 2.99
N LEU A 47 11.95 1.89 2.31
CA LEU A 47 12.06 3.21 2.89
C LEU A 47 10.71 3.88 2.69
N SER A 48 9.92 4.18 3.73
CA SER A 48 8.62 4.82 3.64
C SER A 48 8.72 6.25 4.15
N VAL A 49 8.39 7.24 3.33
CA VAL A 49 8.59 8.65 3.59
C VAL A 49 7.26 9.37 3.46
N SER A 50 6.93 10.23 4.47
CA SER A 50 5.70 11.04 4.42
C SER A 50 6.00 12.23 3.48
N ASP A 51 4.98 12.62 2.73
CA ASP A 51 5.13 13.72 1.82
C ASP A 51 3.90 14.61 1.95
N PHE A 52 3.84 15.71 1.24
CA PHE A 52 2.65 16.55 1.22
C PHE A 52 2.66 17.42 -0.05
N ASP A 53 1.52 17.50 -0.74
CA ASP A 53 1.39 18.40 -1.88
C ASP A 53 0.02 19.00 -1.61
N ASN A 54 -0.17 20.31 -1.77
CA ASN A 54 -1.44 21.01 -1.49
C ASN A 54 -2.76 20.46 -2.08
N ALA A 55 -2.66 19.63 -3.14
CA ALA A 55 -3.77 18.99 -3.84
C ALA A 55 -4.19 17.62 -3.31
N LYS A 56 -3.24 16.79 -2.85
CA LYS A 56 -3.56 15.48 -2.30
C LYS A 56 -3.41 15.45 -0.78
N GLY A 57 -2.75 16.50 -0.22
CA GLY A 57 -2.46 16.60 1.20
C GLY A 57 -1.27 15.73 1.54
N LEU A 58 -1.31 15.08 2.71
CA LEU A 58 -0.23 14.26 3.22
C LEU A 58 -0.33 12.97 2.46
N ASN A 59 0.73 12.45 1.85
CA ASN A 59 0.69 11.17 1.11
C ASN A 59 1.97 10.41 1.46
N VAL A 60 2.16 9.12 1.27
CA VAL A 60 3.39 8.41 1.59
C VAL A 60 3.91 7.84 0.24
N LYS A 61 5.23 7.82 0.06
CA LYS A 61 5.94 7.30 -1.11
C LYS A 61 6.76 6.12 -0.57
N HIS A 62 6.87 4.98 -1.25
CA HIS A 62 7.62 3.86 -0.73
C HIS A 62 8.74 3.59 -1.71
N TYR A 63 9.96 3.35 -1.29
CA TYR A 63 11.10 3.13 -2.15
C TYR A 63 11.66 1.75 -1.83
N LYS A 64 11.61 0.74 -2.72
CA LYS A 64 12.14 -0.55 -2.39
C LYS A 64 13.65 -0.48 -2.13
N ILE A 65 14.24 -1.12 -1.12
CA ILE A 65 15.68 -1.12 -0.93
C ILE A 65 16.16 -2.53 -1.27
N ARG A 66 17.08 -2.69 -2.25
CA ARG A 66 17.52 -4.02 -2.57
C ARG A 66 18.89 -4.20 -1.97
N LYS A 67 19.06 -5.46 -1.60
CA LYS A 67 20.24 -5.99 -0.95
C LYS A 67 21.18 -6.50 -2.01
N LEU A 68 22.40 -6.04 -2.16
CA LEU A 68 23.24 -6.70 -3.13
C LEU A 68 23.70 -8.01 -2.49
N ASP A 69 23.91 -9.06 -3.25
CA ASP A 69 24.44 -10.33 -2.73
C ASP A 69 25.83 -10.17 -2.18
N SER A 70 26.54 -9.25 -2.81
CA SER A 70 27.87 -8.97 -2.33
C SER A 70 27.86 -8.18 -0.99
N GLY A 71 26.67 -7.77 -0.47
CA GLY A 71 26.51 -7.11 0.83
C GLY A 71 25.75 -5.76 0.88
N GLY A 72 25.93 -4.84 -0.06
CA GLY A 72 25.32 -3.53 0.01
C GLY A 72 23.81 -3.44 -0.12
N PHE A 73 23.39 -2.17 -0.21
CA PHE A 73 22.00 -1.74 -0.29
C PHE A 73 21.86 -0.71 -1.35
N TYR A 74 20.77 -0.68 -2.12
CA TYR A 74 20.60 0.45 -3.08
C TYR A 74 19.17 0.81 -3.33
N ILE A 75 18.91 2.09 -3.58
CA ILE A 75 17.61 2.53 -4.06
C ILE A 75 17.88 2.84 -5.55
N THR A 76 18.95 3.54 -5.99
CA THR A 76 19.28 3.86 -7.40
C THR A 76 20.70 3.40 -7.78
N SER A 77 21.08 3.50 -9.06
CA SER A 77 22.42 3.11 -9.55
C SER A 77 23.48 4.15 -9.29
N ARG A 78 22.99 5.21 -8.68
CA ARG A 78 23.77 6.38 -8.36
C ARG A 78 24.64 6.17 -7.17
N THR A 79 24.14 5.62 -6.10
CA THR A 79 24.97 5.46 -4.94
C THR A 79 24.50 4.11 -4.43
N GLN A 80 25.36 3.41 -3.71
CA GLN A 80 25.09 2.10 -3.09
C GLN A 80 25.75 2.19 -1.70
N PHE A 81 25.40 1.40 -0.69
CA PHE A 81 25.89 1.58 0.66
C PHE A 81 26.10 0.23 1.32
N ASN A 82 26.93 0.21 2.36
CA ASN A 82 27.33 -1.01 3.05
C ASN A 82 26.38 -1.43 4.13
N SER A 83 25.38 -0.59 4.47
CA SER A 83 24.42 -0.96 5.49
C SER A 83 23.23 -0.03 5.35
N LEU A 84 22.12 -0.30 6.04
CA LEU A 84 20.93 0.55 6.02
C LEU A 84 21.19 1.83 6.81
N GLN A 85 22.09 1.76 7.78
CA GLN A 85 22.45 2.90 8.59
C GLN A 85 23.16 3.96 7.77
N GLN A 86 24.02 3.53 6.83
CA GLN A 86 24.76 4.44 5.97
C GLN A 86 23.77 5.00 4.95
N LEU A 87 22.84 4.17 4.50
CA LEU A 87 21.79 4.66 3.59
C LEU A 87 20.89 5.74 4.28
N VAL A 88 20.43 5.51 5.52
CA VAL A 88 19.54 6.41 6.27
C VAL A 88 20.28 7.75 6.44
N ALA A 89 21.56 7.64 6.69
CA ALA A 89 22.39 8.79 6.86
C ALA A 89 22.58 9.59 5.56
N TYR A 90 22.91 8.97 4.41
CA TYR A 90 23.10 9.77 3.20
C TYR A 90 21.92 10.58 2.71
N TYR A 91 20.78 9.90 2.70
CA TYR A 91 19.55 10.45 2.20
C TYR A 91 19.01 11.45 3.16
N SER A 92 19.49 11.49 4.42
CA SER A 92 19.18 12.59 5.33
C SER A 92 19.94 13.83 4.89
N LYS A 93 21.08 13.68 4.22
CA LYS A 93 21.78 14.86 3.77
C LYS A 93 21.40 15.22 2.34
N HIS A 94 20.97 14.27 1.50
CA HIS A 94 20.67 14.61 0.14
C HIS A 94 19.56 13.72 -0.29
N ALA A 95 18.54 14.31 -0.89
CA ALA A 95 17.40 13.54 -1.35
C ALA A 95 17.65 12.64 -2.56
N ASP A 96 18.54 13.10 -3.45
CA ASP A 96 18.98 12.43 -4.65
C ASP A 96 17.98 11.63 -5.40
N GLY A 97 16.78 12.19 -5.67
CA GLY A 97 15.73 11.41 -6.36
C GLY A 97 14.51 11.21 -5.47
N LEU A 98 14.68 11.02 -4.16
CA LEU A 98 13.57 10.79 -3.25
C LEU A 98 12.75 12.06 -3.16
N CYS A 99 11.47 11.94 -2.84
CA CYS A 99 10.57 13.04 -2.76
C CYS A 99 10.97 14.24 -1.85
N HIS A 100 11.72 13.96 -0.78
CA HIS A 100 12.14 14.91 0.19
C HIS A 100 13.33 14.19 0.80
N ARG A 101 14.24 15.00 1.28
CA ARG A 101 15.37 14.62 2.14
C ARG A 101 14.78 13.87 3.35
N LEU A 102 15.44 12.95 4.05
CA LEU A 102 14.83 12.30 5.21
C LEU A 102 15.03 13.33 6.29
N THR A 103 13.97 13.77 6.95
CA THR A 103 14.09 14.73 8.03
C THR A 103 13.91 14.22 9.48
N THR A 104 12.75 13.59 9.72
CA THR A 104 12.31 13.12 11.01
C THR A 104 12.22 11.59 11.02
N VAL A 105 12.60 10.88 12.10
CA VAL A 105 12.40 9.44 12.19
C VAL A 105 10.91 9.29 12.52
N CYS A 106 10.19 8.29 12.01
CA CYS A 106 8.82 8.10 12.42
C CYS A 106 8.89 7.75 13.92
N PRO A 107 7.93 8.27 14.71
CA PRO A 107 7.84 8.05 16.16
C PRO A 107 7.34 6.70 16.68
N GLU B 3 8.14 3.85 -5.95
CA GLU B 3 8.60 4.92 -6.79
C GLU B 3 9.79 4.50 -7.64
N ILE C 4 -10.26 10.21 0.37
CA ILE C 4 -10.00 8.86 -0.17
C ILE C 4 -8.61 8.36 0.18
N GLN C 5 -7.53 9.18 0.22
CA GLN C 5 -6.18 8.68 0.55
C GLN C 5 -6.10 8.08 1.93
N ALA C 6 -7.08 8.59 2.69
CA ALA C 6 -7.35 8.31 4.09
C ALA C 6 -8.40 7.27 4.49
N GLU C 7 -8.64 6.26 3.69
CA GLU C 7 -9.58 5.24 4.05
C GLU C 7 -8.69 4.08 4.39
N GLU C 8 -8.86 3.30 5.45
CA GLU C 8 -7.93 2.19 5.70
C GLU C 8 -7.88 1.17 4.56
N TRP C 9 -8.97 0.85 3.88
CA TRP C 9 -9.00 -0.08 2.73
C TRP C 9 -8.43 0.51 1.44
N TYR C 10 -8.21 1.83 1.32
CA TYR C 10 -7.74 2.36 0.07
C TYR C 10 -6.22 2.26 -0.05
N PHE C 11 -5.69 1.37 -0.94
CA PHE C 11 -4.25 1.11 -1.11
C PHE C 11 -3.54 1.86 -2.25
N GLY C 12 -4.30 2.72 -2.88
CA GLY C 12 -3.79 3.56 -3.94
C GLY C 12 -3.44 2.81 -5.18
N LYS C 13 -2.41 3.36 -5.84
CA LYS C 13 -2.03 2.75 -7.10
C LYS C 13 -0.96 1.70 -6.98
N ILE C 14 -1.41 0.52 -6.60
CA ILE C 14 -0.57 -0.63 -6.64
C ILE C 14 -1.06 -1.42 -7.88
N THR C 15 -0.20 -2.35 -8.20
CA THR C 15 -0.40 -3.28 -9.29
C THR C 15 -1.31 -4.45 -8.87
N ARG C 16 -1.90 -5.22 -9.78
CA ARG C 16 -2.65 -6.42 -9.45
C ARG C 16 -1.78 -7.44 -8.73
N ARG C 17 -0.51 -7.55 -9.07
CA ARG C 17 0.36 -8.54 -8.44
C ARG C 17 0.70 -8.20 -7.00
N GLU C 18 1.07 -6.93 -6.72
CA GLU C 18 1.37 -6.50 -5.37
C GLU C 18 0.03 -6.72 -4.65
N SER C 19 -1.16 -6.44 -5.24
CA SER C 19 -2.40 -6.55 -4.47
C SER C 19 -2.65 -7.96 -4.10
N GLU C 20 -2.23 -8.91 -4.92
CA GLU C 20 -2.45 -10.32 -4.61
C GLU C 20 -1.48 -10.75 -3.53
N ARG C 21 -0.21 -10.36 -3.56
CA ARG C 21 0.75 -10.73 -2.52
C ARG C 21 0.31 -10.18 -1.20
N LEU C 22 -0.22 -8.96 -1.18
CA LEU C 22 -0.68 -8.36 0.08
C LEU C 22 -1.86 -9.07 0.72
N LEU C 23 -2.75 -9.52 -0.17
CA LEU C 23 -3.97 -10.20 0.20
C LEU C 23 -3.84 -11.67 0.39
N LEU C 24 -2.84 -12.36 -0.19
CA LEU C 24 -2.81 -13.79 -0.01
C LEU C 24 -2.00 -14.13 1.18
N ASN C 25 -2.98 -14.32 2.08
CA ASN C 25 -2.73 -14.67 3.44
C ASN C 25 -3.83 -15.59 3.97
N ALA C 26 -3.28 -16.68 4.51
CA ALA C 26 -4.04 -17.78 5.08
C ALA C 26 -4.57 -17.46 6.46
N GLU C 27 -3.97 -16.49 7.08
CA GLU C 27 -4.39 -16.05 8.39
C GLU C 27 -5.50 -15.01 8.23
N ASN C 28 -5.94 -14.79 6.98
CA ASN C 28 -6.95 -13.79 6.63
C ASN C 28 -8.31 -14.43 6.40
N PRO C 29 -9.44 -13.82 6.77
CA PRO C 29 -10.77 -14.37 6.54
C PRO C 29 -11.12 -14.19 5.07
N ARG C 30 -12.11 -15.01 4.70
CA ARG C 30 -12.76 -14.91 3.39
C ARG C 30 -13.41 -13.52 3.38
N GLY C 31 -13.14 -12.79 2.33
CA GLY C 31 -13.72 -11.48 2.26
C GLY C 31 -12.74 -10.41 2.62
N THR C 32 -11.46 -10.64 2.90
CA THR C 32 -10.53 -9.55 3.16
C THR C 32 -10.33 -8.79 1.86
N PHE C 33 -10.19 -7.48 1.91
CA PHE C 33 -10.21 -6.72 0.68
C PHE C 33 -9.36 -5.44 0.76
N LEU C 34 -9.24 -4.74 -0.38
CA LEU C 34 -8.64 -3.43 -0.53
C LEU C 34 -9.18 -2.87 -1.85
N VAL C 35 -9.23 -1.57 -1.97
CA VAL C 35 -9.60 -0.87 -3.19
C VAL C 35 -8.28 -0.25 -3.66
N ARG C 36 -7.96 -0.36 -4.93
CA ARG C 36 -6.76 0.20 -5.50
C ARG C 36 -7.06 0.86 -6.84
N GLU C 37 -6.23 1.77 -7.31
CA GLU C 37 -6.45 2.34 -8.64
C GLU C 37 -6.28 1.29 -9.76
N SER C 38 -7.10 1.20 -10.83
CA SER C 38 -6.99 0.20 -11.89
C SER C 38 -5.70 0.50 -12.67
N GLU C 39 -4.64 -0.33 -12.78
CA GLU C 39 -3.43 0.05 -13.52
C GLU C 39 -3.59 0.02 -15.05
N THR C 40 -4.49 -0.85 -15.44
CA THR C 40 -4.76 -1.00 -16.85
C THR C 40 -5.64 0.18 -17.24
N THR C 41 -6.84 0.14 -16.70
CA THR C 41 -7.79 1.12 -17.15
C THR C 41 -7.71 2.40 -16.32
N LYS C 42 -7.16 3.42 -16.99
CA LYS C 42 -6.98 4.74 -16.40
C LYS C 42 -8.38 5.23 -16.05
N GLY C 43 -8.44 5.72 -14.83
CA GLY C 43 -9.67 6.24 -14.26
C GLY C 43 -10.45 5.29 -13.32
N ALA C 44 -10.39 3.98 -13.57
CA ALA C 44 -11.16 3.01 -12.80
C ALA C 44 -10.45 2.61 -11.52
N TYR C 45 -11.17 1.86 -10.71
CA TYR C 45 -10.62 1.33 -9.50
C TYR C 45 -10.85 -0.16 -9.59
N CYS C 46 -10.36 -0.84 -8.56
CA CYS C 46 -10.52 -2.27 -8.51
C CYS C 46 -10.71 -2.74 -7.08
N LEU C 47 -11.69 -3.59 -6.81
CA LEU C 47 -11.87 -4.22 -5.56
C LEU C 47 -11.34 -5.68 -5.68
N SER C 48 -10.20 -5.91 -5.02
CA SER C 48 -9.55 -7.17 -4.84
C SER C 48 -10.03 -7.79 -3.53
N VAL C 49 -10.63 -8.97 -3.57
CA VAL C 49 -11.22 -9.65 -2.43
C VAL C 49 -10.57 -11.03 -2.36
N SER C 50 -10.16 -11.51 -1.17
CA SER C 50 -9.66 -12.88 -1.07
C SER C 50 -10.85 -13.88 -1.00
N ASP C 51 -10.60 -15.09 -1.44
CA ASP C 51 -11.61 -16.07 -1.41
C ASP C 51 -10.95 -17.42 -1.31
N PHE C 52 -11.75 -18.35 -0.86
CA PHE C 52 -11.31 -19.70 -0.71
C PHE C 52 -12.44 -20.49 -1.29
N ASP C 53 -12.03 -21.51 -2.00
CA ASP C 53 -12.94 -22.49 -2.53
C ASP C 53 -12.13 -23.79 -2.44
N ASN C 54 -12.87 -24.88 -2.31
CA ASN C 54 -12.26 -26.21 -2.29
C ASN C 54 -11.47 -26.42 -3.59
N ALA C 55 -12.19 -26.15 -4.66
CA ALA C 55 -11.63 -26.30 -5.99
C ALA C 55 -10.31 -25.58 -6.37
N LYS C 56 -9.89 -24.47 -5.78
CA LYS C 56 -8.66 -23.77 -6.18
C LYS C 56 -7.96 -23.28 -4.95
N GLY C 57 -8.67 -23.31 -3.85
CA GLY C 57 -8.11 -22.81 -2.63
C GLY C 57 -8.17 -21.30 -2.56
N LEU C 58 -7.17 -20.78 -1.86
CA LEU C 58 -7.02 -19.36 -1.69
C LEU C 58 -6.79 -18.66 -3.02
N ASN C 59 -7.52 -17.60 -3.35
CA ASN C 59 -7.35 -16.89 -4.61
C ASN C 59 -7.93 -15.50 -4.40
N VAL C 60 -7.48 -14.51 -5.13
CA VAL C 60 -7.99 -13.16 -5.02
C VAL C 60 -8.84 -12.95 -6.25
N LYS C 61 -10.04 -12.37 -6.14
CA LYS C 61 -10.98 -12.03 -7.20
C LYS C 61 -10.79 -10.52 -7.38
N HIS C 62 -10.90 -10.03 -8.61
CA HIS C 62 -10.70 -8.62 -8.96
C HIS C 62 -11.95 -8.03 -9.63
N TYR C 63 -12.53 -6.97 -9.09
CA TYR C 63 -13.72 -6.38 -9.60
C TYR C 63 -13.46 -4.95 -9.98
N LYS C 64 -13.57 -4.68 -11.29
CA LYS C 64 -13.33 -3.32 -11.79
C LYS C 64 -14.50 -2.51 -11.29
N ILE C 65 -14.22 -1.31 -10.77
CA ILE C 65 -15.19 -0.34 -10.26
C ILE C 65 -15.10 0.76 -11.31
N ARG C 66 -16.17 1.18 -11.98
CA ARG C 66 -16.09 2.22 -13.02
C ARG C 66 -16.77 3.48 -12.57
N LYS C 67 -16.16 4.65 -12.79
CA LYS C 67 -16.72 5.93 -12.37
C LYS C 67 -17.55 6.58 -13.47
N LEU C 68 -18.75 6.93 -13.11
CA LEU C 68 -19.68 7.57 -14.01
C LEU C 68 -19.38 9.07 -14.23
N ASP C 69 -19.81 9.59 -15.38
CA ASP C 69 -19.59 10.94 -15.82
C ASP C 69 -20.25 11.86 -14.83
N SER C 70 -21.51 11.63 -14.48
CA SER C 70 -22.17 12.43 -13.46
C SER C 70 -21.44 12.29 -12.11
N GLY C 71 -20.90 11.11 -11.73
CA GLY C 71 -20.19 11.00 -10.47
C GLY C 71 -20.07 9.63 -9.78
N GLY C 72 -21.10 8.80 -9.88
CA GLY C 72 -21.12 7.56 -9.12
C GLY C 72 -20.12 6.53 -9.55
N PHE C 73 -20.28 5.39 -8.89
CA PHE C 73 -19.45 4.22 -9.14
C PHE C 73 -20.38 3.05 -9.18
N TYR C 74 -19.97 2.01 -9.87
CA TYR C 74 -20.71 0.75 -9.99
C TYR C 74 -19.71 -0.38 -10.32
N ILE C 75 -20.13 -1.55 -9.88
CA ILE C 75 -19.51 -2.83 -10.26
C ILE C 75 -20.58 -3.46 -11.17
N THR C 76 -21.90 -3.38 -10.87
CA THR C 76 -22.93 -3.98 -11.70
C THR C 76 -24.07 -2.99 -11.93
N SER C 77 -25.09 -3.44 -12.64
CA SER C 77 -26.23 -2.65 -12.99
C SER C 77 -27.34 -2.72 -11.97
N ARG C 78 -27.21 -3.58 -11.00
CA ARG C 78 -28.14 -3.70 -9.92
C ARG C 78 -28.17 -2.42 -9.02
N THR C 79 -27.01 -1.87 -8.64
CA THR C 79 -26.85 -0.67 -7.78
C THR C 79 -25.57 0.05 -8.21
N GLN C 80 -25.61 1.37 -8.08
CA GLN C 80 -24.53 2.36 -8.25
C GLN C 80 -24.55 3.23 -6.94
N PHE C 81 -23.44 3.84 -6.62
CA PHE C 81 -23.14 4.52 -5.36
C PHE C 81 -22.61 5.90 -5.56
N ASN C 82 -23.00 6.84 -4.73
CA ASN C 82 -22.42 8.17 -4.96
C ASN C 82 -20.99 8.33 -4.56
N SER C 83 -20.45 7.41 -3.75
CA SER C 83 -19.07 7.45 -3.37
C SER C 83 -18.47 6.03 -3.23
N LEU C 84 -17.12 5.90 -3.20
CA LEU C 84 -16.46 4.62 -3.03
C LEU C 84 -16.68 4.05 -1.65
N GLN C 85 -16.75 4.89 -0.61
CA GLN C 85 -17.03 4.39 0.72
C GLN C 85 -18.45 3.85 0.76
N GLN C 86 -19.42 4.39 0.02
CA GLN C 86 -20.77 3.84 0.01
C GLN C 86 -20.81 2.49 -0.64
N LEU C 87 -19.87 2.25 -1.53
CA LEU C 87 -19.75 0.99 -2.15
C LEU C 87 -19.16 0.00 -1.17
N VAL C 88 -18.01 0.27 -0.52
CA VAL C 88 -17.45 -0.71 0.43
C VAL C 88 -18.47 -0.98 1.49
N ALA C 89 -19.14 0.09 2.03
CA ALA C 89 -20.18 -0.04 3.05
C ALA C 89 -21.37 -0.89 2.68
N TYR C 90 -21.71 -0.79 1.48
CA TYR C 90 -22.85 -1.58 0.99
C TYR C 90 -22.43 -3.06 0.85
N TYR C 91 -21.30 -3.33 0.22
CA TYR C 91 -20.91 -4.75 -0.02
C TYR C 91 -20.34 -5.41 1.24
N SER C 92 -20.12 -4.61 2.25
CA SER C 92 -19.72 -5.11 3.57
C SER C 92 -20.95 -5.80 4.17
N LYS C 93 -22.19 -5.30 3.67
CA LYS C 93 -23.41 -5.94 4.14
C LYS C 93 -24.00 -6.87 3.14
N HIS C 94 -23.77 -6.67 1.84
CA HIS C 94 -24.41 -7.48 0.79
C HIS C 94 -23.50 -7.88 -0.33
N ALA C 95 -23.32 -9.14 -0.55
CA ALA C 95 -22.36 -9.64 -1.56
C ALA C 95 -22.87 -9.32 -2.98
N ASP C 96 -24.17 -9.53 -3.16
CA ASP C 96 -24.89 -9.22 -4.43
C ASP C 96 -24.11 -9.49 -5.72
N GLY C 97 -23.49 -10.66 -5.78
CA GLY C 97 -22.71 -11.06 -6.97
C GLY C 97 -21.23 -11.22 -6.63
N LEU C 98 -20.71 -10.53 -5.65
CA LEU C 98 -19.32 -10.76 -5.31
C LEU C 98 -19.17 -12.14 -4.66
N CYS C 99 -18.12 -12.65 -4.64
CA CYS C 99 -17.68 -13.97 -4.19
C CYS C 99 -17.95 -14.14 -2.68
N HIS C 100 -17.83 -13.01 -2.02
CA HIS C 100 -18.04 -12.90 -0.59
C HIS C 100 -18.24 -11.45 -0.22
N ARG C 101 -18.98 -11.30 0.83
CA ARG C 101 -19.24 -10.03 1.49
C ARG C 101 -17.86 -9.50 1.92
N LEU C 102 -17.67 -8.20 1.96
CA LEU C 102 -16.35 -7.66 2.38
C LEU C 102 -16.21 -7.74 3.90
N THR C 103 -15.25 -8.54 4.45
CA THR C 103 -15.18 -8.73 5.86
C THR C 103 -14.02 -7.87 6.32
N THR C 104 -12.76 -8.27 6.22
CA THR C 104 -11.67 -7.50 6.83
C THR C 104 -10.94 -6.68 5.82
N VAL C 105 -10.48 -5.50 6.19
CA VAL C 105 -9.65 -4.66 5.34
C VAL C 105 -8.31 -5.35 5.44
N CYS C 106 -7.71 -5.39 4.25
CA CYS C 106 -6.36 -5.92 4.00
C CYS C 106 -5.47 -5.33 5.08
N PRO C 107 -4.86 -6.19 5.92
CA PRO C 107 -3.99 -5.71 6.99
C PRO C 107 -2.74 -4.84 6.66
N GLU D 3 -13.70 -10.02 -12.81
CA GLU D 3 -14.91 -10.80 -12.68
C GLU D 3 -16.08 -10.11 -13.35
#